data_2XC8
#
_entry.id   2XC8
#
_cell.length_a   42.911
_cell.length_b   64.116
_cell.length_c   101.053
_cell.angle_alpha   90.00
_cell.angle_beta   90.00
_cell.angle_gamma   90.00
#
_symmetry.space_group_name_H-M   'P 21 21 21'
#
loop_
_entity.id
_entity.type
_entity.pdbx_description
1 polymer 'GENE 22 PRODUCT'
2 water water
#
_entity_poly.entity_id   1
_entity_poly.type   'polypeptide(L)'
_entity_poly.pdbx_seq_one_letter_code
;GIEIVNRKAVWYLTSEIKETETGIEVSAGELHKGDEEVFPVEEVSFDLTPDDTYPVEY(MSE)LYLH(MSE)NVQTKKVS
WSLCKAYLDGEGYCDYQGNERLI(MSE)YPVSVTVFPNGTREGTIFLYEKEDREPDRKPPVIVEPQPVGEIGTPDIDE
;
_entity_poly.pdbx_strand_id   A,B,C
#
# COMPACT_ATOMS: atom_id res chain seq x y z
N GLY A 1 15.28 2.73 -18.81
CA GLY A 1 14.05 2.50 -17.99
C GLY A 1 14.35 1.85 -16.64
N ILE A 2 13.33 1.80 -15.78
CA ILE A 2 13.45 1.12 -14.50
C ILE A 2 12.78 -0.25 -14.60
N GLU A 3 13.59 -1.29 -14.68
CA GLU A 3 13.06 -2.62 -14.76
C GLU A 3 12.57 -3.20 -13.43
N ILE A 4 11.53 -4.02 -13.50
CA ILE A 4 10.91 -4.61 -12.34
C ILE A 4 11.43 -6.04 -12.17
N VAL A 5 12.10 -6.30 -11.05
CA VAL A 5 12.63 -7.63 -10.77
C VAL A 5 11.87 -8.33 -9.65
N ASN A 6 11.03 -9.28 -10.05
CA ASN A 6 10.35 -10.16 -9.10
C ASN A 6 11.32 -11.25 -8.66
N ARG A 7 11.57 -11.31 -7.36
CA ARG A 7 12.63 -12.13 -6.80
C ARG A 7 12.18 -12.77 -5.49
N LYS A 8 12.44 -14.07 -5.34
CA LYS A 8 12.08 -14.79 -4.12
C LYS A 8 13.20 -14.74 -3.09
N ALA A 9 12.82 -14.61 -1.81
CA ALA A 9 13.78 -14.48 -0.70
C ALA A 9 13.14 -14.82 0.64
N VAL A 10 13.98 -15.08 1.65
CA VAL A 10 13.52 -15.32 3.02
C VAL A 10 12.86 -14.04 3.56
N TRP A 11 13.57 -12.92 3.44
CA TRP A 11 13.02 -11.61 3.76
C TRP A 11 12.31 -11.04 2.54
N TYR A 12 10.99 -10.84 2.65
CA TYR A 12 10.21 -10.29 1.55
C TYR A 12 9.24 -9.20 2.01
N LEU A 13 8.93 -8.31 1.06
CA LEU A 13 8.12 -7.13 1.33
C LEU A 13 6.86 -7.12 0.46
N THR A 14 5.71 -6.96 1.11
CA THR A 14 4.42 -6.97 0.41
C THR A 14 4.02 -5.58 -0.09
N SER A 15 4.84 -4.58 0.22
CA SER A 15 4.63 -3.22 -0.26
C SER A 15 4.72 -3.14 -1.78
N GLU A 16 3.75 -2.44 -2.37
CA GLU A 16 3.73 -2.18 -3.80
C GLU A 16 4.69 -1.04 -4.11
N ILE A 17 5.69 -1.32 -4.94
CA ILE A 17 6.66 -0.30 -5.35
C ILE A 17 6.52 -0.01 -6.84
N LYS A 18 6.30 1.25 -7.19
CA LYS A 18 6.12 1.64 -8.59
C LYS A 18 6.79 2.96 -8.98
N GLU A 19 7.16 3.05 -10.25
CA GLU A 19 7.67 4.27 -10.85
C GLU A 19 6.51 5.16 -11.27
N THR A 20 6.58 6.42 -10.90
CA THR A 20 5.58 7.42 -11.29
C THR A 20 6.20 8.41 -12.28
N GLU A 21 5.39 9.38 -12.72
CA GLU A 21 5.83 10.43 -13.62
C GLU A 21 6.94 11.29 -13.00
N THR A 22 6.90 11.43 -11.67
CA THR A 22 7.82 12.29 -10.94
C THR A 22 8.91 11.52 -10.17
N GLY A 23 8.61 10.29 -9.74
CA GLY A 23 9.58 9.50 -8.99
C GLY A 23 9.17 8.08 -8.64
N ILE A 24 9.30 7.74 -7.36
CA ILE A 24 9.02 6.40 -6.86
C ILE A 24 7.99 6.45 -5.72
N GLU A 25 6.98 5.58 -5.80
CA GLU A 25 5.98 5.44 -4.75
C GLU A 25 5.99 4.03 -4.16
N VAL A 26 6.21 3.95 -2.85
CA VAL A 26 6.16 2.69 -2.12
C VAL A 26 4.94 2.72 -1.20
N SER A 27 4.06 1.75 -1.37
CA SER A 27 2.86 1.66 -0.55
C SER A 27 3.18 1.12 0.85
N ALA A 28 2.24 1.28 1.77
CA ALA A 28 2.36 0.66 3.08
C ALA A 28 2.21 -0.84 2.94
N GLY A 29 3.02 -1.60 3.67
CA GLY A 29 3.00 -3.05 3.58
C GLY A 29 3.62 -3.74 4.77
N GLU A 30 4.07 -4.97 4.55
CA GLU A 30 4.64 -5.80 5.61
C GLU A 30 5.96 -6.43 5.19
N LEU A 31 6.92 -6.38 6.10
CA LEU A 31 8.18 -7.09 5.92
C LEU A 31 8.09 -8.44 6.63
N HIS A 32 8.34 -9.51 5.89
CA HIS A 32 8.31 -10.86 6.43
C HIS A 32 9.66 -11.56 6.46
N LYS A 33 9.92 -12.29 7.54
CA LYS A 33 11.12 -13.12 7.53
C LYS A 33 10.49 -14.51 7.49
N GLY A 34 10.43 -15.09 6.30
CA GLY A 34 9.81 -16.40 6.08
C GLY A 34 8.38 -16.48 6.58
N ASP A 35 8.07 -17.56 7.28
CA ASP A 35 6.77 -17.81 7.87
C ASP A 35 6.74 -17.25 9.25
N GLU A 36 7.91 -17.19 9.88
CA GLU A 36 8.01 -16.75 11.27
C GLU A 36 7.64 -15.34 11.77
N GLU A 37 8.24 -14.28 11.22
CA GLU A 37 7.97 -12.92 11.73
C GLU A 37 7.55 -11.87 10.69
N VAL A 38 6.62 -11.01 11.12
CA VAL A 38 6.05 -9.94 10.30
C VAL A 38 6.25 -8.59 11.00
N PHE A 39 6.63 -7.57 10.22
CA PHE A 39 6.85 -6.21 10.73
C PHE A 39 6.13 -5.20 9.84
N PRO A 40 5.46 -4.19 10.44
CA PRO A 40 4.78 -3.18 9.61
C PRO A 40 5.75 -2.21 8.94
N VAL A 41 5.48 -1.90 7.67
CA VAL A 41 6.32 -0.98 6.91
C VAL A 41 5.48 0.18 6.38
N GLU A 42 5.90 1.40 6.71
CA GLU A 42 5.21 2.62 6.31
C GLU A 42 5.37 2.89 4.82
N GLU A 43 4.48 3.65 4.25
CA GLU A 43 4.60 4.09 2.89
C GLU A 43 5.74 5.12 2.76
N VAL A 44 6.27 5.27 1.58
CA VAL A 44 7.38 6.18 1.31
C VAL A 44 7.36 6.57 -0.17
N SER A 45 7.78 7.81 -0.46
CA SER A 45 7.85 8.29 -1.84
C SER A 45 8.93 9.37 -1.99
N PHE A 46 9.51 9.45 -3.18
CA PHE A 46 10.53 10.45 -3.49
C PHE A 46 10.61 10.76 -4.98
N ASP A 47 11.01 11.99 -5.30
CA ASP A 47 11.20 12.43 -6.68
C ASP A 47 12.51 11.91 -7.24
N LEU A 48 12.49 11.55 -8.52
CA LEU A 48 13.71 11.16 -9.23
C LEU A 48 14.27 12.37 -9.97
N THR A 49 14.75 13.34 -9.18
CA THR A 49 15.21 14.63 -9.67
C THR A 49 16.60 14.54 -10.31
N PRO A 50 16.73 15.01 -11.57
CA PRO A 50 18.03 15.01 -12.23
C PRO A 50 18.88 16.24 -11.89
N ASP A 51 20.19 16.13 -12.11
CA ASP A 51 21.12 17.25 -11.97
C ASP A 51 21.48 17.74 -13.37
N ASP A 52 21.84 19.03 -13.50
CA ASP A 52 22.21 19.60 -14.79
C ASP A 52 23.50 19.03 -15.38
N THR A 53 24.45 18.66 -14.51
CA THR A 53 25.76 18.19 -14.95
C THR A 53 25.93 16.67 -14.82
N TYR A 54 25.68 16.14 -13.63
CA TYR A 54 25.99 14.75 -13.31
C TYR A 54 24.80 13.80 -13.22
N PRO A 55 25.04 12.48 -13.33
CA PRO A 55 23.91 11.56 -13.22
C PRO A 55 23.75 11.47 -11.71
N VAL A 56 22.52 11.22 -11.26
CA VAL A 56 22.23 11.12 -9.83
C VAL A 56 21.80 9.70 -9.48
N GLU A 57 22.48 9.09 -8.52
CA GLU A 57 22.12 7.77 -8.03
C GLU A 57 21.20 7.85 -6.82
N TYR A 58 20.06 7.17 -6.91
CA TYR A 58 19.13 7.04 -5.80
C TYR A 58 19.11 5.61 -5.31
N MSE A 59 19.36 5.43 -4.01
CA MSE A 59 19.27 4.11 -3.40
C MSE A 59 18.42 4.16 -2.13
O MSE A 59 18.73 4.89 -1.18
CB MSE A 59 20.66 3.53 -3.11
CG MSE A 59 20.73 2.01 -3.27
SE MSE A 59 22.52 1.34 -3.73
CE MSE A 59 23.09 0.61 -1.99
N LEU A 60 17.34 3.38 -2.14
CA LEU A 60 16.40 3.33 -1.03
C LEU A 60 16.69 2.13 -0.13
N TYR A 61 16.92 2.41 1.15
CA TYR A 61 17.24 1.43 2.15
C TYR A 61 16.14 1.10 3.16
N LEU A 62 15.96 -0.18 3.41
CA LEU A 62 15.05 -0.67 4.38
C LEU A 62 15.80 -1.36 5.50
N HIS A 63 15.81 -0.73 6.64
CA HIS A 63 16.62 -1.17 7.78
C HIS A 63 15.78 -1.27 9.06
N MSE A 64 16.28 -2.02 10.04
CA MSE A 64 15.55 -2.29 11.27
C MSE A 64 16.35 -1.95 12.53
O MSE A 64 17.51 -2.36 12.65
CB MSE A 64 15.11 -3.76 11.31
CG MSE A 64 14.22 -4.12 12.48
SE MSE A 64 14.15 -6.04 12.83
CE MSE A 64 13.35 -6.63 11.16
N ASN A 65 15.72 -1.23 13.44
CA ASN A 65 16.26 -1.01 14.78
C ASN A 65 16.17 -2.31 15.57
N VAL A 66 17.33 -2.85 15.92
CA VAL A 66 17.45 -4.13 16.62
C VAL A 66 16.71 -4.16 17.96
N GLN A 67 16.74 -3.02 18.67
CA GLN A 67 16.11 -2.87 19.96
C GLN A 67 14.62 -2.70 19.93
N THR A 68 14.15 -1.86 19.06
CA THR A 68 12.75 -1.45 19.02
C THR A 68 11.91 -2.26 18.03
N LYS A 69 12.59 -2.98 17.13
CA LYS A 69 11.96 -3.76 16.05
C LYS A 69 11.33 -2.88 14.96
N LYS A 70 11.53 -1.57 15.06
CA LYS A 70 11.01 -0.62 14.08
C LYS A 70 11.78 -0.69 12.76
N VAL A 71 11.03 -0.91 11.69
CA VAL A 71 11.59 -0.99 10.33
C VAL A 71 11.36 0.35 9.63
N SER A 72 12.44 0.96 9.14
CA SER A 72 12.40 2.31 8.59
C SER A 72 13.02 2.43 7.20
N TRP A 73 12.69 3.54 6.53
CA TRP A 73 13.25 3.86 5.21
C TRP A 73 14.36 4.89 5.31
N SER A 74 15.37 4.72 4.47
CA SER A 74 16.42 5.70 4.28
C SER A 74 16.69 5.87 2.80
N LEU A 75 17.00 7.10 2.39
CA LEU A 75 17.29 7.37 0.99
C LEU A 75 18.66 8.02 0.83
N CYS A 76 19.48 7.40 0.00
CA CYS A 76 20.76 7.98 -0.39
C CYS A 76 20.63 8.63 -1.75
N LYS A 77 21.17 9.84 -1.87
CA LYS A 77 21.23 10.55 -3.14
C LYS A 77 22.68 10.95 -3.39
N ALA A 78 23.26 10.40 -4.46
CA ALA A 78 24.65 10.67 -4.80
C ALA A 78 24.79 11.21 -6.21
N TYR A 79 25.67 12.20 -6.35
CA TYR A 79 25.97 12.79 -7.65
C TYR A 79 27.19 12.10 -8.22
N LEU A 80 27.03 11.47 -9.36
CA LEU A 80 28.10 10.62 -9.86
C LEU A 80 29.22 11.38 -10.62
N ASP A 81 30.04 12.06 -9.82
CA ASP A 81 31.11 12.97 -10.25
C ASP A 81 32.51 12.35 -10.12
N GLY A 82 32.56 11.08 -9.77
CA GLY A 82 33.82 10.37 -9.54
C GLY A 82 34.11 10.16 -8.07
N GLU A 83 33.39 10.88 -7.22
CA GLU A 83 33.54 10.76 -5.77
C GLU A 83 32.25 10.36 -5.07
N GLY A 84 31.11 10.73 -5.67
CA GLY A 84 29.81 10.36 -5.14
C GLY A 84 29.42 8.92 -5.43
N TYR A 85 28.83 8.26 -4.43
CA TYR A 85 28.34 6.89 -4.53
C TYR A 85 27.37 6.62 -3.38
N CYS A 86 26.50 5.63 -3.55
CA CYS A 86 25.54 5.27 -2.51
C CYS A 86 25.92 3.99 -1.77
N ASP A 87 25.90 4.08 -0.44
CA ASP A 87 26.26 3.00 0.47
C ASP A 87 25.56 3.28 1.80
N TYR A 88 24.87 2.28 2.35
CA TYR A 88 24.17 2.45 3.62
C TYR A 88 25.14 2.78 4.76
N GLN A 89 24.94 3.96 5.35
CA GLN A 89 25.85 4.53 6.35
C GLN A 89 25.32 4.40 7.78
N GLY A 90 24.04 4.05 7.92
CA GLY A 90 23.37 3.99 9.21
C GLY A 90 23.84 2.89 10.16
N ASN A 91 23.28 2.89 11.37
CA ASN A 91 23.69 1.96 12.43
C ASN A 91 22.66 0.87 12.77
N GLU A 92 21.62 0.77 11.96
CA GLU A 92 20.58 -0.25 12.11
C GLU A 92 20.84 -1.42 11.15
N ARG A 93 20.12 -2.52 11.35
CA ARG A 93 20.29 -3.71 10.54
C ARG A 93 19.66 -3.56 9.15
N LEU A 94 20.51 -3.45 8.13
CA LEU A 94 20.04 -3.32 6.75
C LEU A 94 19.38 -4.61 6.28
N ILE A 95 18.10 -4.52 5.92
CA ILE A 95 17.34 -5.68 5.46
C ILE A 95 17.44 -5.82 3.94
N MSE A 96 17.17 -4.74 3.21
CA MSE A 96 17.18 -4.76 1.74
C MSE A 96 17.27 -3.36 1.11
O MSE A 96 17.05 -2.35 1.78
CB MSE A 96 15.92 -5.42 1.19
CG MSE A 96 14.61 -4.76 1.63
SE MSE A 96 13.01 -5.51 0.80
CE MSE A 96 13.06 -7.29 1.57
N TYR A 97 17.59 -3.33 -0.17
CA TYR A 97 17.62 -2.07 -0.92
C TYR A 97 16.82 -2.31 -2.21
N PRO A 98 15.48 -2.15 -2.12
CA PRO A 98 14.56 -2.50 -3.22
C PRO A 98 14.56 -1.54 -4.40
N VAL A 99 15.12 -0.35 -4.25
CA VAL A 99 15.18 0.63 -5.33
C VAL A 99 16.61 1.15 -5.54
N SER A 100 17.11 1.01 -6.77
CA SER A 100 18.41 1.52 -7.17
C SER A 100 18.30 2.11 -8.56
N VAL A 101 18.25 3.44 -8.65
CA VAL A 101 18.02 4.13 -9.92
C VAL A 101 19.04 5.24 -10.17
N THR A 102 19.58 5.25 -11.39
CA THR A 102 20.43 6.34 -11.85
C THR A 102 19.61 7.25 -12.77
N VAL A 103 19.54 8.53 -12.39
CA VAL A 103 18.80 9.53 -13.17
C VAL A 103 19.80 10.43 -13.88
N PHE A 104 19.73 10.44 -15.21
CA PHE A 104 20.65 11.21 -16.03
C PHE A 104 20.14 12.63 -16.27
N PRO A 105 21.06 13.58 -16.54
CA PRO A 105 20.68 15.00 -16.68
C PRO A 105 19.44 15.27 -17.54
N ASN A 106 19.25 14.52 -18.63
CA ASN A 106 18.11 14.73 -19.53
C ASN A 106 16.79 14.07 -19.08
N GLY A 107 16.83 13.41 -17.91
CA GLY A 107 15.64 12.82 -17.32
C GLY A 107 15.53 11.31 -17.49
N THR A 108 16.46 10.73 -18.24
CA THR A 108 16.48 9.29 -18.48
C THR A 108 16.77 8.53 -17.19
N ARG A 109 15.91 7.57 -16.88
CA ARG A 109 16.03 6.76 -15.68
C ARG A 109 16.47 5.36 -16.04
N GLU A 110 17.50 4.89 -15.35
CA GLU A 110 18.00 3.53 -15.54
C GLU A 110 18.29 2.89 -14.20
N GLY A 111 17.66 1.75 -13.96
CA GLY A 111 17.83 1.04 -12.71
C GLY A 111 16.82 -0.07 -12.51
N THR A 112 16.59 -0.39 -11.25
CA THR A 112 15.78 -1.55 -10.90
C THR A 112 14.88 -1.37 -9.68
N ILE A 113 13.69 -1.98 -9.76
CA ILE A 113 12.78 -1.97 -8.63
C ILE A 113 12.76 -3.46 -8.28
N PHE A 114 13.20 -3.78 -7.07
CA PHE A 114 13.19 -5.16 -6.60
C PHE A 114 11.93 -5.44 -5.81
N LEU A 115 11.20 -6.46 -6.26
CA LEU A 115 9.99 -6.89 -5.56
C LEU A 115 10.19 -8.29 -5.00
N TYR A 116 10.44 -8.35 -3.70
CA TYR A 116 10.69 -9.62 -3.02
C TYR A 116 9.39 -10.29 -2.58
N GLU A 117 9.25 -11.55 -2.98
CA GLU A 117 8.10 -12.38 -2.65
C GLU A 117 8.59 -13.61 -1.90
N LYS A 118 7.67 -14.34 -1.27
CA LYS A 118 8.06 -15.51 -0.48
C LYS A 118 8.60 -16.68 -1.30
N GLU A 119 9.51 -17.42 -0.68
CA GLU A 119 10.11 -18.58 -1.33
C GLU A 119 8.93 -19.53 -1.37
N ASP A 120 8.85 -20.34 -2.42
CA ASP A 120 7.69 -21.21 -2.60
C ASP A 120 7.36 -22.26 -1.54
N ARG A 121 6.07 -22.35 -1.22
CA ARG A 121 5.55 -23.32 -0.25
C ARG A 121 5.27 -24.68 -0.90
N GLY B 1 -2.86 -10.08 -8.29
CA GLY B 1 -3.05 -9.91 -6.81
C GLY B 1 -3.96 -8.75 -6.47
N ILE B 2 -3.75 -8.17 -5.29
CA ILE B 2 -4.49 -6.99 -4.88
C ILE B 2 -3.68 -5.72 -5.20
N GLU B 3 -4.13 -5.03 -6.23
CA GLU B 3 -3.48 -3.83 -6.75
C GLU B 3 -3.76 -2.63 -5.85
N ILE B 4 -2.87 -1.64 -5.90
CA ILE B 4 -3.09 -0.39 -5.16
C ILE B 4 -3.29 0.77 -6.12
N VAL B 5 -4.37 1.53 -5.90
CA VAL B 5 -4.69 2.68 -6.74
C VAL B 5 -4.71 3.96 -5.90
N ASN B 6 -3.69 4.80 -6.14
CA ASN B 6 -3.59 6.11 -5.52
C ASN B 6 -4.36 7.14 -6.35
N ARG B 7 -5.19 7.94 -5.69
CA ARG B 7 -5.93 9.00 -6.37
C ARG B 7 -6.07 10.28 -5.52
N LYS B 8 -5.92 11.42 -6.18
CA LYS B 8 -6.13 12.72 -5.56
C LYS B 8 -7.61 13.08 -5.59
N ALA B 9 -8.17 13.30 -4.40
CA ALA B 9 -9.60 13.61 -4.26
C ALA B 9 -9.85 14.62 -3.15
N VAL B 10 -11.01 15.27 -3.20
CA VAL B 10 -11.45 16.20 -2.17
C VAL B 10 -11.61 15.44 -0.85
N TRP B 11 -12.32 14.32 -0.91
CA TRP B 11 -12.45 13.41 0.23
C TRP B 11 -11.31 12.40 0.21
N TYR B 12 -10.46 12.45 1.25
CA TYR B 12 -9.35 11.52 1.35
C TYR B 12 -9.19 10.94 2.76
N LEU B 13 -8.63 9.73 2.81
CA LEU B 13 -8.49 8.98 4.05
C LEU B 13 -7.02 8.70 4.36
N THR B 14 -6.59 9.06 5.57
CA THR B 14 -5.19 8.90 5.99
C THR B 14 -4.93 7.53 6.61
N SER B 15 -5.98 6.72 6.73
CA SER B 15 -5.88 5.35 7.21
C SER B 15 -4.99 4.51 6.31
N GLU B 16 -4.05 3.84 6.89
CA GLU B 16 -3.24 2.89 6.22
C GLU B 16 -4.07 1.64 5.91
N ILE B 17 -4.12 1.25 4.66
CA ILE B 17 -4.83 0.05 4.23
C ILE B 17 -3.86 -0.93 3.57
N LYS B 18 -3.80 -2.12 4.12
CA LYS B 18 -2.91 -3.16 3.61
C LYS B 18 -3.41 -4.61 3.60
N GLU B 19 -2.92 -5.35 2.62
CA GLU B 19 -3.21 -6.77 2.53
C GLU B 19 -2.28 -7.55 3.46
N THR B 20 -2.85 -8.40 4.29
CA THR B 20 -2.09 -9.32 5.15
C THR B 20 -2.25 -10.73 4.57
N GLU B 21 -1.58 -11.72 5.10
CA GLU B 21 -1.71 -13.07 4.62
C GLU B 21 -3.09 -13.63 4.89
N THR B 22 -3.79 -13.16 5.89
CA THR B 22 -5.12 -13.64 6.24
C THR B 22 -6.24 -12.77 5.66
N GLY B 23 -6.00 -11.48 5.49
CA GLY B 23 -7.01 -10.58 4.94
C GLY B 23 -6.60 -9.13 4.72
N ILE B 24 -7.45 -8.23 5.19
CA ILE B 24 -7.25 -6.79 5.02
C ILE B 24 -7.21 -6.08 6.38
N GLU B 25 -6.24 -5.18 6.53
CA GLU B 25 -6.11 -4.35 7.72
C GLU B 25 -6.21 -2.87 7.37
N VAL B 26 -7.15 -2.19 7.99
CA VAL B 26 -7.26 -0.74 7.88
C VAL B 26 -6.96 -0.14 9.25
N SER B 27 -5.95 0.72 9.30
CA SER B 27 -5.56 1.38 10.54
C SER B 27 -6.55 2.49 10.90
N ALA B 28 -6.50 2.93 12.15
CA ALA B 28 -7.25 4.11 12.58
C ALA B 28 -6.68 5.33 11.86
N GLY B 29 -7.57 6.19 11.37
CA GLY B 29 -7.14 7.36 10.63
C GLY B 29 -8.14 8.50 10.62
N GLU B 30 -8.04 9.34 9.60
CA GLU B 30 -8.87 10.52 9.48
C GLU B 30 -9.43 10.69 8.08
N LEU B 31 -10.74 10.94 8.01
CA LEU B 31 -11.38 11.28 6.76
C LEU B 31 -11.41 12.80 6.62
N HIS B 32 -10.84 13.30 5.52
CA HIS B 32 -10.78 14.73 5.26
C HIS B 32 -11.65 15.20 4.11
N LYS B 33 -12.32 16.33 4.31
CA LYS B 33 -13.14 16.94 3.28
C LYS B 33 -12.36 18.18 2.88
N GLY B 34 -11.38 17.98 1.98
CA GLY B 34 -10.45 19.04 1.59
C GLY B 34 -9.67 19.55 2.78
N ASP B 35 -9.72 20.85 3.01
CA ASP B 35 -9.20 21.43 4.22
C ASP B 35 -10.27 22.07 5.13
N GLU B 36 -11.49 21.69 4.93
CA GLU B 36 -12.58 22.32 5.69
C GLU B 36 -12.97 21.56 6.97
N GLU B 37 -13.04 20.24 6.90
CA GLU B 37 -13.35 19.42 8.08
C GLU B 37 -12.75 18.01 8.03
N VAL B 38 -12.40 17.49 9.18
CA VAL B 38 -11.81 16.20 9.40
C VAL B 38 -12.64 15.36 10.37
N PHE B 39 -12.78 14.07 10.11
CA PHE B 39 -13.59 13.17 10.93
C PHE B 39 -12.77 11.94 11.34
N PRO B 40 -12.92 11.48 12.59
CA PRO B 40 -12.17 10.29 13.01
C PRO B 40 -12.71 8.99 12.41
N VAL B 41 -11.81 8.13 11.98
CA VAL B 41 -12.18 6.84 11.41
C VAL B 41 -11.51 5.72 12.21
N GLU B 42 -12.32 4.80 12.70
CA GLU B 42 -11.84 3.67 13.46
C GLU B 42 -11.14 2.59 12.64
N GLU B 43 -10.22 1.89 13.25
CA GLU B 43 -9.61 0.76 12.63
C GLU B 43 -10.65 -0.31 12.23
N VAL B 44 -10.34 -1.12 11.25
CA VAL B 44 -11.17 -2.20 10.81
C VAL B 44 -10.34 -3.23 10.13
N SER B 45 -10.66 -4.48 10.34
CA SER B 45 -10.04 -5.54 9.62
C SER B 45 -10.96 -6.73 9.35
N PHE B 46 -10.67 -7.53 8.33
CA PHE B 46 -11.46 -8.71 7.99
C PHE B 46 -10.63 -9.74 7.24
N ASP B 47 -10.98 -11.02 7.42
CA ASP B 47 -10.34 -12.11 6.71
C ASP B 47 -10.85 -12.20 5.28
N LEU B 48 -9.94 -12.50 4.35
CA LEU B 48 -10.32 -12.76 2.97
C LEU B 48 -10.57 -14.26 2.79
N THR B 49 -11.60 -14.73 3.47
CA THR B 49 -11.94 -16.15 3.55
C THR B 49 -12.49 -16.66 2.22
N PRO B 50 -11.85 -17.71 1.67
CA PRO B 50 -12.37 -18.31 0.44
C PRO B 50 -13.50 -19.29 0.75
N ASP B 51 -14.31 -19.60 -0.27
CA ASP B 51 -15.34 -20.62 -0.16
C ASP B 51 -14.86 -21.86 -0.91
N ASP B 52 -15.30 -23.02 -0.49
CA ASP B 52 -14.89 -24.25 -1.13
C ASP B 52 -15.38 -24.42 -2.56
N THR B 53 -16.52 -23.82 -2.87
CA THR B 53 -17.12 -23.95 -4.19
C THR B 53 -16.96 -22.69 -5.06
N TYR B 54 -17.43 -21.56 -4.56
CA TYR B 54 -17.54 -20.33 -5.35
C TYR B 54 -16.51 -19.25 -5.04
N PRO B 55 -16.29 -18.31 -5.99
CA PRO B 55 -15.35 -17.25 -5.68
C PRO B 55 -16.15 -16.32 -4.79
N VAL B 56 -15.48 -15.60 -3.91
CA VAL B 56 -16.14 -14.69 -2.98
C VAL B 56 -15.72 -13.25 -3.23
N GLU B 57 -16.70 -12.36 -3.36
CA GLU B 57 -16.44 -10.93 -3.51
C GLU B 57 -16.55 -10.22 -2.17
N TYR B 58 -15.51 -9.47 -1.83
CA TYR B 58 -15.52 -8.66 -0.61
C TYR B 58 -15.55 -7.18 -0.94
N MSE B 59 -16.45 -6.47 -0.28
CA MSE B 59 -16.64 -5.06 -0.48
C MSE B 59 -16.71 -4.24 0.77
O MSE B 59 -17.55 -4.43 1.60
CB MSE B 59 -17.90 -4.85 -1.27
CG MSE B 59 -17.69 -3.97 -2.43
SE MSE B 59 -17.45 -4.87 -4.07
CE MSE B 59 -19.19 -4.50 -4.67
N LEU B 60 -15.81 -3.30 0.88
CA LEU B 60 -15.74 -2.47 2.07
C LEU B 60 -16.25 -1.06 1.79
N TYR B 61 -17.18 -0.60 2.62
CA TYR B 61 -17.80 0.71 2.44
C TYR B 61 -17.47 1.66 3.60
N LEU B 62 -17.13 2.90 3.27
CA LEU B 62 -16.99 3.96 4.26
C LEU B 62 -18.11 4.96 4.05
N HIS B 63 -19.02 5.03 5.02
CA HIS B 63 -20.19 5.88 4.94
C HIS B 63 -20.35 6.76 6.18
N MSE B 64 -21.11 7.85 6.03
CA MSE B 64 -21.29 8.82 7.09
C MSE B 64 -22.75 9.20 7.35
O MSE B 64 -23.52 9.36 6.40
CB MSE B 64 -20.51 10.11 6.77
CG MSE B 64 -20.53 11.16 7.87
SE MSE B 64 -20.01 12.93 7.24
CE MSE B 64 -18.19 12.52 6.70
N ASN B 65 -23.11 9.32 8.62
CA ASN B 65 -24.45 9.77 8.96
C ASN B 65 -24.28 11.29 8.91
N VAL B 66 -24.94 11.93 7.96
CA VAL B 66 -24.75 13.36 7.71
C VAL B 66 -25.20 14.27 8.84
N GLN B 67 -26.12 13.80 9.68
CA GLN B 67 -26.62 14.59 10.81
C GLN B 67 -25.76 14.44 12.07
N THR B 68 -25.33 13.21 12.37
CA THR B 68 -24.49 12.95 13.54
C THR B 68 -23.00 13.10 13.22
N LYS B 69 -22.69 13.09 11.94
CA LYS B 69 -21.33 13.11 11.39
C LYS B 69 -20.49 11.89 11.70
N LYS B 70 -21.09 10.86 12.25
CA LYS B 70 -20.44 9.59 12.55
C LYS B 70 -20.07 8.85 11.26
N VAL B 71 -18.78 8.53 11.12
CA VAL B 71 -18.27 7.82 9.95
C VAL B 71 -18.03 6.35 10.33
N SER B 72 -18.63 5.44 9.57
CA SER B 72 -18.59 4.01 9.89
C SER B 72 -18.20 3.10 8.73
N TRP B 73 -17.83 1.86 9.06
CA TRP B 73 -17.47 0.83 8.09
C TRP B 73 -18.60 -0.18 7.89
N SER B 74 -18.77 -0.62 6.65
CA SER B 74 -19.66 -1.73 6.32
C SER B 74 -18.96 -2.67 5.36
N LEU B 75 -19.20 -3.97 5.52
CA LEU B 75 -18.63 -4.97 4.63
C LEU B 75 -19.70 -5.83 3.99
N CYS B 76 -19.65 -5.92 2.66
CA CYS B 76 -20.51 -6.83 1.93
C CYS B 76 -19.70 -8.01 1.40
N LYS B 77 -20.23 -9.20 1.57
CA LYS B 77 -19.69 -10.41 1.03
C LYS B 77 -20.66 -11.08 0.06
N ALA B 78 -20.19 -11.43 -1.09
CA ALA B 78 -21.02 -12.09 -2.08
C ALA B 78 -20.36 -13.35 -2.63
N TYR B 79 -21.14 -14.42 -2.73
CA TYR B 79 -20.69 -15.67 -3.32
C TYR B 79 -21.03 -15.66 -4.80
N LEU B 80 -20.01 -15.74 -5.65
CA LEU B 80 -20.20 -15.72 -7.10
C LEU B 80 -20.83 -17.00 -7.61
N ASP B 81 -22.14 -17.10 -7.47
CA ASP B 81 -22.92 -18.23 -7.97
C ASP B 81 -23.92 -17.80 -9.05
N GLY B 82 -23.97 -16.49 -9.31
CA GLY B 82 -24.84 -15.91 -10.33
C GLY B 82 -26.15 -15.36 -9.78
N GLU B 83 -26.37 -15.49 -8.48
CA GLU B 83 -27.61 -15.10 -7.85
C GLU B 83 -27.57 -13.88 -6.98
N GLY B 84 -26.42 -13.34 -6.77
CA GLY B 84 -26.29 -12.17 -5.91
C GLY B 84 -25.11 -11.28 -6.20
N TYR B 85 -25.25 -10.00 -5.85
CA TYR B 85 -24.17 -9.02 -5.97
C TYR B 85 -24.14 -8.06 -4.79
N CYS B 86 -22.96 -7.50 -4.54
CA CYS B 86 -22.78 -6.50 -3.50
C CYS B 86 -23.01 -5.09 -4.01
N ASP B 87 -23.73 -4.30 -3.21
CA ASP B 87 -24.09 -2.94 -3.55
C ASP B 87 -24.45 -2.28 -2.23
N TYR B 88 -23.87 -1.10 -1.98
CA TYR B 88 -24.19 -0.36 -0.76
C TYR B 88 -25.60 0.22 -0.86
N GLN B 89 -26.42 -0.01 0.17
CA GLN B 89 -27.85 0.30 0.09
C GLN B 89 -28.41 1.28 1.13
N GLY B 90 -27.75 1.38 2.29
CA GLY B 90 -28.18 2.31 3.35
C GLY B 90 -28.47 3.79 3.19
N ASN B 91 -29.09 4.36 4.23
CA ASN B 91 -29.44 5.78 4.32
C ASN B 91 -28.23 6.70 4.38
N GLU B 92 -27.18 6.22 5.02
CA GLU B 92 -25.98 7.02 5.25
C GLU B 92 -25.25 7.34 3.95
N ARG B 93 -24.65 8.50 3.87
CA ARG B 93 -23.88 8.92 2.74
C ARG B 93 -22.64 8.08 2.53
N LEU B 94 -22.56 7.46 1.37
CA LEU B 94 -21.42 6.67 1.04
C LEU B 94 -20.30 7.57 0.58
N ILE B 95 -19.18 7.41 1.23
CA ILE B 95 -18.05 8.26 1.03
C ILE B 95 -17.09 7.60 0.09
N MSE B 96 -16.68 6.38 0.38
CA MSE B 96 -15.77 5.65 -0.48
C MSE B 96 -15.77 4.13 -0.42
O MSE B 96 -16.18 3.55 0.54
CB MSE B 96 -14.35 6.13 -0.27
CG MSE B 96 -13.83 5.96 1.10
SE MSE B 96 -12.09 6.55 1.47
CE MSE B 96 -12.23 8.33 1.06
N TYR B 97 -15.33 3.51 -1.51
CA TYR B 97 -15.20 2.06 -1.56
C TYR B 97 -13.73 1.72 -1.60
N PRO B 98 -13.04 1.73 -0.48
CA PRO B 98 -11.58 1.59 -0.61
C PRO B 98 -11.05 0.17 -0.87
N VAL B 99 -11.86 -0.86 -0.63
CA VAL B 99 -11.43 -2.25 -0.86
C VAL B 99 -12.47 -3.05 -1.64
N SER B 100 -12.02 -3.69 -2.72
CA SER B 100 -12.86 -4.56 -3.54
C SER B 100 -12.03 -5.75 -4.04
N VAL B 101 -12.26 -6.92 -3.46
CA VAL B 101 -11.44 -8.11 -3.74
C VAL B 101 -12.28 -9.37 -4.01
N THR B 102 -11.89 -10.10 -5.04
CA THR B 102 -12.46 -11.42 -5.32
C THR B 102 -11.48 -12.51 -4.86
N VAL B 103 -11.96 -13.38 -3.97
CA VAL B 103 -11.15 -14.47 -3.43
C VAL B 103 -11.64 -15.80 -4.01
N PHE B 104 -10.75 -16.48 -4.72
CA PHE B 104 -11.08 -17.75 -5.36
C PHE B 104 -10.85 -18.93 -4.41
N PRO B 105 -11.57 -20.05 -4.62
CA PRO B 105 -11.50 -21.20 -3.71
C PRO B 105 -10.09 -21.62 -3.25
N ASN B 106 -9.10 -21.53 -4.15
CA ASN B 106 -7.72 -21.94 -3.82
C ASN B 106 -6.89 -20.86 -3.09
N GLY B 107 -7.51 -19.71 -2.82
CA GLY B 107 -6.87 -18.64 -2.06
C GLY B 107 -6.36 -17.48 -2.90
N THR B 108 -6.46 -17.61 -4.22
CA THR B 108 -6.04 -16.56 -5.16
C THR B 108 -6.90 -15.31 -4.97
N ARG B 109 -6.23 -14.17 -4.81
CA ARG B 109 -6.91 -12.89 -4.60
C ARG B 109 -6.72 -11.97 -5.79
N GLU B 110 -7.82 -11.43 -6.30
CA GLU B 110 -7.78 -10.44 -7.38
C GLU B 110 -8.66 -9.26 -7.01
N GLY B 111 -8.07 -8.07 -6.97
CA GLY B 111 -8.81 -6.87 -6.61
C GLY B 111 -7.97 -5.61 -6.47
N THR B 112 -8.53 -4.65 -5.74
CA THR B 112 -7.94 -3.31 -5.62
C THR B 112 -8.10 -2.62 -4.26
N ILE B 113 -7.03 -1.95 -3.83
CA ILE B 113 -7.07 -1.18 -2.60
C ILE B 113 -6.98 0.27 -3.11
N PHE B 114 -8.02 1.04 -2.85
CA PHE B 114 -8.06 2.45 -3.26
C PHE B 114 -7.56 3.34 -2.12
N LEU B 115 -6.46 4.04 -2.39
CA LEU B 115 -5.86 4.94 -1.40
C LEU B 115 -6.04 6.40 -1.81
N TYR B 116 -6.91 7.11 -1.12
CA TYR B 116 -7.24 8.48 -1.47
C TYR B 116 -6.24 9.46 -0.85
N GLU B 117 -5.83 10.43 -1.67
CA GLU B 117 -4.83 11.40 -1.27
C GLU B 117 -5.29 12.86 -1.37
N LYS B 118 -4.56 13.76 -0.71
CA LYS B 118 -4.81 15.20 -0.77
C LYS B 118 -4.46 15.76 -2.16
N GLU B 119 -5.29 16.67 -2.66
CA GLU B 119 -5.09 17.29 -3.98
C GLU B 119 -3.92 18.28 -4.02
N ASP B 120 -3.66 18.83 -5.21
CA ASP B 120 -2.56 19.78 -5.47
C ASP B 120 -1.18 19.19 -5.19
N LYS B 126 6.06 10.70 3.92
CA LYS B 126 6.82 9.88 2.97
C LYS B 126 8.29 10.22 2.74
N PRO B 127 8.75 11.43 3.15
CA PRO B 127 10.16 11.78 3.03
C PRO B 127 10.83 10.66 3.80
N PRO B 128 11.79 9.97 3.17
CA PRO B 128 12.50 8.93 3.88
C PRO B 128 13.64 9.69 4.50
N VAL B 129 14.05 9.29 5.69
CA VAL B 129 15.19 9.89 6.29
C VAL B 129 16.33 9.91 5.24
N ILE B 130 17.20 10.90 5.28
CA ILE B 130 18.32 10.88 4.41
C ILE B 130 19.45 10.12 5.04
N VAL B 131 19.88 8.98 4.44
CA VAL B 131 21.11 8.23 4.83
C VAL B 131 22.14 8.92 3.99
N GLU B 132 22.70 9.98 4.54
CA GLU B 132 23.66 10.71 3.78
C GLU B 132 24.75 11.34 4.61
N LYS C 126 -17.71 -5.68 16.74
CA LYS C 126 -16.52 -5.37 15.99
C LYS C 126 -16.98 -5.10 14.60
N PRO C 127 -16.78 -3.87 14.16
CA PRO C 127 -17.00 -3.56 12.75
C PRO C 127 -16.20 -4.52 11.87
N PRO C 128 -16.61 -4.66 10.60
CA PRO C 128 -17.69 -3.87 10.00
C PRO C 128 -19.07 -4.47 10.21
N VAL C 129 -20.08 -3.61 10.04
CA VAL C 129 -21.47 -4.03 9.99
C VAL C 129 -21.67 -4.77 8.68
N ILE C 130 -22.33 -5.93 8.75
CA ILE C 130 -22.55 -6.75 7.57
C ILE C 130 -23.71 -6.20 6.73
N VAL C 131 -23.42 -5.98 5.46
CA VAL C 131 -24.43 -5.63 4.47
C VAL C 131 -24.67 -6.86 3.59
N GLU C 132 -25.90 -7.33 3.57
CA GLU C 132 -26.27 -8.50 2.77
C GLU C 132 -26.32 -8.14 1.28
N PRO C 133 -25.88 -9.07 0.41
CA PRO C 133 -25.94 -8.81 -1.04
C PRO C 133 -27.35 -8.79 -1.58
N GLN C 134 -27.60 -8.06 -2.63
CA GLN C 134 -28.86 -8.03 -3.31
C GLN C 134 -29.11 -9.27 -4.13
N PRO C 135 -30.35 -9.67 -4.28
CA PRO C 135 -30.67 -10.71 -5.25
C PRO C 135 -30.69 -10.10 -6.62
N VAL C 136 -30.23 -10.83 -7.59
CA VAL C 136 -30.18 -10.30 -8.92
C VAL C 136 -31.58 -10.39 -9.50
N GLY C 137 -32.14 -9.27 -9.92
CA GLY C 137 -33.39 -9.32 -10.64
C GLY C 137 -34.65 -8.85 -9.95
#